data_4OQU
#
_entry.id   4OQU
#
_cell.length_a   127.269
_cell.length_b   127.269
_cell.length_c   181.609
_cell.angle_alpha   90.00
_cell.angle_beta   90.00
_cell.angle_gamma   120.00
#
_symmetry.space_group_name_H-M   'P 64 2 2'
#
loop_
_entity.id
_entity.type
_entity.pdbx_description
1 polymer 'SAM-I/IV riboswitch'
2 non-polymer S-ADENOSYLMETHIONINE
3 non-polymer 'MAGNESIUM ION'
#
_entity_poly.entity_id   1
_entity_poly.type   'polyribonucleotide'
_entity_poly.pdbx_seq_one_letter_code
;GGAUCACGAGGGGGAGACCCCGGCAACCUGGGACGGACACCCAAGGUGCUCACACCGGAGACGGUGGAUCCGGCCCGAGA
GGGCAACGAAGGUCCGA
;
_entity_poly.pdbx_strand_id   A
#
loop_
_chem_comp.id
_chem_comp.type
_chem_comp.name
_chem_comp.formula
A RNA linking ADENOSINE-5'-MONOPHOSPHATE 'C10 H14 N5 O7 P'
C RNA linking CYTIDINE-5'-MONOPHOSPHATE 'C9 H14 N3 O8 P'
G RNA linking GUANOSINE-5'-MONOPHOSPHATE 'C10 H14 N5 O8 P'
MG non-polymer 'MAGNESIUM ION' 'Mg 2'
SAM non-polymer S-ADENOSYLMETHIONINE 'C15 H22 N6 O5 S'
U RNA linking URIDINE-5'-MONOPHOSPHATE 'C9 H13 N2 O9 P'
#
# COMPACT_ATOMS: atom_id res chain seq x y z
N SAM B . 0.44 3.12 0.32
CA SAM B . -0.76 3.80 -0.05
C SAM B . -1.28 4.47 1.16
O SAM B . -2.29 5.24 1.09
OXT SAM B . -0.69 4.30 2.27
CB SAM B . -1.79 2.82 -0.62
CG SAM B . -2.48 3.48 -1.80
SD SAM B . -3.15 2.26 -2.94
CE SAM B . -4.58 2.95 -3.68
C5' SAM B . -3.42 0.65 -2.16
C4' SAM B . -2.28 -0.29 -2.57
O4' SAM B . -0.96 0.28 -2.45
C3' SAM B . -2.24 -1.61 -1.90
O3' SAM B . -3.01 -2.52 -2.61
C2' SAM B . -0.83 -2.01 -1.96
O2' SAM B . -0.70 -2.99 -2.91
C1' SAM B . -0.07 -0.80 -2.34
N9 SAM B . 0.91 -0.43 -1.35
C8 SAM B . 2.22 -0.05 -1.60
N7 SAM B . 2.86 0.26 -0.46
C5 SAM B . 1.98 0.10 0.59
C6 SAM B . 2.08 0.28 1.99
N6 SAM B . 3.32 0.72 2.58
N1 SAM B . 0.98 0.05 2.74
C2 SAM B . -0.17 -0.36 2.18
N3 SAM B . -0.32 -0.54 0.86
C4 SAM B . 0.72 -0.33 0.05
MG MG C . 10.19 0.28 4.79
MG MG D . 1.81 -1.08 12.45
MG MG E . 19.13 -13.46 -10.50
MG MG F . -26.83 12.90 -6.42
MG MG G . 11.20 -21.46 15.26
#